data_8FCI
#
_entry.id   8FCI
#
_cell.length_a   70.972
_cell.length_b   70.972
_cell.length_c   240.161
_cell.angle_alpha   90
_cell.angle_beta   90
_cell.angle_gamma   90
#
_symmetry.space_group_name_H-M   'P 43 21 2'
#
loop_
_entity.id
_entity.type
_entity.pdbx_description
1 polymer 'tRNA (guanine-N(1)-)-methyltransferase'
2 non-polymer S-ADENOSYL-L-HOMOCYSTEINE
3 water water
#
_entity_poly.entity_id   1
_entity_poly.type   'polypeptide(L)'
_entity_poly.pdbx_seq_one_letter_code
;MAHHHHHHMGTLEAQTQGPGSMRIDVVTIFPAYLDPLRQSLPGKAIQSGLVDLRVHDLRRWTHDAHRSVDDAPYGGGPGM
VMKAPVWGEALDEIASAETLLVVPTPAGVLFDQATAARWSAERHLVFACGRYEGIDQRVVEDAARRMRVEEVSIGDYVLP
GGESAAVVMIEAVLRLLDGVLGNPASRHDDSHSPALDRRLEGPSYTRPPSWRGLDVPEVLLSGDHARIAAWRREVSLQRT
RERRPELLADPVGPQDDPGR
;
_entity_poly.pdbx_strand_id   A,B
#
# COMPACT_ATOMS: atom_id res chain seq x y z
N SER A 21 -8.47 -22.87 -7.36
CA SER A 21 -7.07 -22.78 -7.75
C SER A 21 -6.20 -22.07 -6.69
N MET A 22 -6.62 -20.88 -6.20
CA MET A 22 -5.85 -20.18 -5.17
C MET A 22 -6.67 -19.87 -3.92
N ARG A 23 -6.08 -20.11 -2.74
CA ARG A 23 -6.71 -19.74 -1.49
C ARG A 23 -5.89 -18.63 -0.84
N ILE A 24 -6.56 -17.60 -0.33
CA ILE A 24 -5.88 -16.53 0.38
C ILE A 24 -6.54 -16.37 1.74
N ASP A 25 -5.78 -16.53 2.83
CA ASP A 25 -6.30 -16.32 4.15
C ASP A 25 -5.64 -15.08 4.70
N VAL A 26 -6.43 -14.20 5.32
CA VAL A 26 -5.89 -13.02 5.95
C VAL A 26 -6.22 -13.11 7.43
N VAL A 27 -5.20 -13.05 8.28
CA VAL A 27 -5.44 -13.12 9.72
C VAL A 27 -5.17 -11.75 10.31
N THR A 28 -6.13 -11.23 11.05
CA THR A 28 -6.06 -9.87 11.58
C THR A 28 -6.95 -9.70 12.79
N ILE A 29 -6.63 -8.72 13.67
CA ILE A 29 -7.53 -8.35 14.76
C ILE A 29 -8.63 -7.37 14.25
N PHE A 30 -8.62 -6.96 12.97
CA PHE A 30 -9.59 -6.05 12.35
C PHE A 30 -10.13 -6.67 11.05
N PRO A 31 -10.94 -7.75 11.13
CA PRO A 31 -11.48 -8.38 9.91
C PRO A 31 -12.26 -7.43 9.00
N ALA A 32 -12.98 -6.44 9.59
CA ALA A 32 -13.76 -5.49 8.76
C ALA A 32 -12.91 -4.64 7.80
N TYR A 33 -11.61 -4.57 8.07
CA TYR A 33 -10.68 -3.83 7.26
C TYR A 33 -10.56 -4.42 5.84
N LEU A 34 -10.78 -5.72 5.67
CA LEU A 34 -10.69 -6.34 4.35
C LEU A 34 -12.03 -6.41 3.61
N ASP A 35 -13.10 -5.78 4.17
CA ASP A 35 -14.42 -5.67 3.50
C ASP A 35 -14.27 -5.01 2.12
N PRO A 36 -13.51 -3.87 1.98
CA PRO A 36 -13.23 -3.29 0.65
C PRO A 36 -13.01 -4.35 -0.46
N LEU A 37 -12.15 -5.35 -0.20
CA LEU A 37 -11.88 -6.44 -1.14
C LEU A 37 -13.09 -7.34 -1.21
N LEU A 50 -12.25 -19.11 -8.64
CA LEU A 50 -10.81 -19.36 -8.85
C LEU A 50 -10.02 -18.94 -7.60
N VAL A 51 -10.40 -17.82 -6.97
CA VAL A 51 -9.78 -17.35 -5.76
C VAL A 51 -10.74 -17.45 -4.59
N ASP A 52 -10.29 -18.10 -3.51
CA ASP A 52 -11.07 -18.25 -2.28
C ASP A 52 -10.39 -17.36 -1.24
N LEU A 53 -10.93 -16.17 -1.02
CA LEU A 53 -10.42 -15.18 -0.08
C LEU A 53 -11.18 -15.27 1.24
N ARG A 54 -10.46 -15.57 2.34
CA ARG A 54 -11.06 -15.69 3.67
C ARG A 54 -10.34 -14.79 4.65
N VAL A 55 -11.10 -14.16 5.55
CA VAL A 55 -10.54 -13.25 6.54
C VAL A 55 -10.90 -13.79 7.90
N HIS A 56 -9.90 -13.88 8.78
CA HIS A 56 -10.06 -14.48 10.09
C HIS A 56 -9.71 -13.49 11.18
N ASP A 57 -10.54 -13.47 12.23
CA ASP A 57 -10.29 -12.68 13.41
C ASP A 57 -9.26 -13.44 14.26
N LEU A 58 -8.09 -12.84 14.50
CA LEU A 58 -7.04 -13.43 15.32
C LEU A 58 -7.51 -13.77 16.75
N ARG A 59 -8.54 -13.05 17.26
CA ARG A 59 -9.04 -13.33 18.62
C ARG A 59 -9.75 -14.69 18.76
N ARG A 60 -10.11 -15.34 17.64
CA ARG A 60 -10.68 -16.70 17.65
C ARG A 60 -9.70 -17.70 18.26
N TRP A 61 -8.39 -17.39 18.26
CA TRP A 61 -7.37 -18.28 18.78
C TRP A 61 -6.85 -17.88 20.17
N THR A 62 -7.60 -17.03 20.87
CA THR A 62 -7.30 -16.66 22.25
C THR A 62 -8.18 -17.57 23.13
N HIS A 63 -7.74 -17.81 24.36
CA HIS A 63 -8.50 -18.66 25.27
C HIS A 63 -8.96 -17.94 26.53
N ASP A 64 -8.70 -16.63 26.65
CA ASP A 64 -9.10 -15.89 27.83
C ASP A 64 -10.35 -15.02 27.56
N ALA A 65 -11.01 -14.57 28.64
CA ALA A 65 -12.24 -13.76 28.53
C ALA A 65 -11.97 -12.40 27.90
N HIS A 66 -10.74 -11.87 28.07
CA HIS A 66 -10.37 -10.58 27.47
C HIS A 66 -9.93 -10.67 26.01
N ARG A 67 -9.84 -11.90 25.44
CA ARG A 67 -9.41 -12.19 24.06
C ARG A 67 -8.09 -11.49 23.77
N SER A 68 -7.16 -11.55 24.73
CA SER A 68 -5.88 -10.85 24.70
C SER A 68 -4.90 -11.41 23.69
N VAL A 69 -4.42 -10.55 22.76
CA VAL A 69 -3.47 -10.99 21.72
C VAL A 69 -2.07 -10.39 21.90
N ASP A 70 -1.90 -9.46 22.80
CA ASP A 70 -0.64 -8.75 22.97
C ASP A 70 -0.12 -8.80 24.40
N ASP A 71 1.13 -8.43 24.58
CA ASP A 71 1.77 -8.40 25.89
C ASP A 71 3.00 -7.48 25.83
N ALA A 72 3.57 -7.09 26.98
CA ALA A 72 4.69 -6.17 27.04
C ALA A 72 5.95 -6.76 26.38
N PRO A 73 6.78 -5.93 25.73
CA PRO A 73 7.99 -6.46 25.10
C PRO A 73 9.12 -6.76 26.07
N TYR A 74 9.93 -7.78 25.79
CA TYR A 74 11.12 -8.05 26.56
C TYR A 74 12.15 -6.99 26.16
N GLY A 75 12.93 -6.51 27.13
CA GLY A 75 13.93 -5.47 26.90
C GLY A 75 13.36 -4.06 26.92
N GLY A 76 12.12 -3.91 27.36
CA GLY A 76 11.49 -2.60 27.38
C GLY A 76 11.14 -2.04 26.01
N GLY A 77 10.84 -0.75 26.00
CA GLY A 77 10.44 -0.07 24.78
C GLY A 77 8.94 0.16 24.81
N PRO A 78 8.49 1.13 24.03
CA PRO A 78 7.06 1.44 24.02
C PRO A 78 6.25 0.38 23.27
N GLY A 79 4.95 0.42 23.50
CA GLY A 79 4.02 -0.44 22.80
C GLY A 79 4.03 -1.89 23.23
N MET A 80 3.11 -2.63 22.67
CA MET A 80 2.93 -4.02 22.97
C MET A 80 3.34 -4.89 21.79
N VAL A 81 3.56 -6.19 22.03
CA VAL A 81 3.94 -7.14 21.01
C VAL A 81 2.88 -8.23 20.92
N MET A 82 2.51 -8.66 19.70
CA MET A 82 1.54 -9.72 19.55
C MET A 82 2.19 -11.05 19.95
N LYS A 83 1.52 -11.79 20.85
CA LYS A 83 1.99 -13.05 21.45
C LYS A 83 2.14 -14.21 20.47
N ALA A 84 3.24 -14.97 20.60
CA ALA A 84 3.45 -16.17 19.82
C ALA A 84 2.42 -17.28 20.18
N PRO A 85 2.02 -17.49 21.48
CA PRO A 85 1.01 -18.51 21.78
C PRO A 85 -0.29 -18.35 21.00
N VAL A 86 -0.73 -17.11 20.70
CA VAL A 86 -1.94 -16.91 19.90
C VAL A 86 -1.70 -17.15 18.38
N TRP A 87 -0.68 -16.50 17.81
CA TRP A 87 -0.32 -16.64 16.40
C TRP A 87 0.05 -18.06 15.98
N GLY A 88 0.74 -18.77 16.87
CA GLY A 88 1.13 -20.16 16.67
C GLY A 88 -0.08 -21.06 16.46
N GLU A 89 -1.13 -20.90 17.27
CA GLU A 89 -2.36 -21.69 17.13
C GLU A 89 -3.11 -21.34 15.84
N ALA A 90 -3.19 -20.02 15.52
CA ALA A 90 -3.83 -19.56 14.29
C ALA A 90 -3.14 -20.20 13.05
N LEU A 91 -1.80 -20.17 13.01
CA LEU A 91 -1.07 -20.71 11.87
C LEU A 91 -1.09 -22.25 11.86
N ASP A 92 -1.18 -22.89 13.05
CA ASP A 92 -1.29 -24.37 13.14
C ASP A 92 -2.56 -24.83 12.45
N GLU A 93 -3.66 -24.07 12.58
CA GLU A 93 -4.93 -24.37 11.94
C GLU A 93 -4.94 -24.00 10.45
N ILE A 94 -4.55 -22.74 10.11
CA ILE A 94 -4.68 -22.22 8.75
C ILE A 94 -3.61 -22.66 7.77
N ALA A 95 -2.34 -22.78 8.18
CA ALA A 95 -1.27 -23.08 7.24
C ALA A 95 -0.80 -24.53 7.20
N SER A 96 -0.33 -24.98 6.03
CA SER A 96 0.22 -26.31 5.80
C SER A 96 1.65 -26.15 5.20
N ALA A 97 2.33 -27.25 4.90
CA ALA A 97 3.65 -27.24 4.28
C ALA A 97 3.65 -26.61 2.88
N GLU A 98 2.49 -26.59 2.19
CA GLU A 98 2.37 -26.01 0.85
C GLU A 98 2.14 -24.46 0.86
N THR A 99 1.86 -23.88 2.04
CA THR A 99 1.58 -22.47 2.22
C THR A 99 2.75 -21.55 2.03
N LEU A 100 2.47 -20.35 1.46
CA LEU A 100 3.47 -19.30 1.42
C LEU A 100 2.94 -18.24 2.43
N LEU A 101 3.63 -18.13 3.55
CA LEU A 101 3.25 -17.22 4.61
C LEU A 101 3.90 -15.86 4.35
N VAL A 102 3.07 -14.84 4.20
CA VAL A 102 3.53 -13.49 4.00
C VAL A 102 3.31 -12.72 5.32
N VAL A 103 4.40 -12.16 5.83
CA VAL A 103 4.34 -11.35 7.02
C VAL A 103 4.67 -9.92 6.66
N PRO A 104 3.66 -9.02 6.57
CA PRO A 104 3.97 -7.61 6.31
C PRO A 104 4.80 -7.04 7.46
N THR A 105 5.85 -6.30 7.14
CA THR A 105 6.74 -5.63 8.12
C THR A 105 7.54 -4.54 7.43
N PRO A 106 7.68 -3.37 8.07
CA PRO A 106 8.50 -2.30 7.46
C PRO A 106 9.97 -2.70 7.38
N ALA A 107 10.39 -3.82 8.00
CA ALA A 107 11.75 -4.31 7.95
C ALA A 107 11.95 -5.44 6.93
N GLY A 108 10.94 -5.77 6.13
CA GLY A 108 11.05 -6.84 5.16
C GLY A 108 11.68 -6.42 3.85
N VAL A 109 11.92 -7.38 2.94
CA VAL A 109 12.38 -7.06 1.60
C VAL A 109 11.18 -6.37 0.89
N LEU A 110 11.48 -5.45 -0.04
CA LEU A 110 10.44 -4.73 -0.73
C LEU A 110 9.57 -5.60 -1.61
N PHE A 111 8.26 -5.41 -1.51
CA PHE A 111 7.31 -6.04 -2.42
C PHE A 111 7.48 -5.29 -3.77
N ASP A 112 7.34 -6.01 -4.87
CA ASP A 112 7.43 -5.44 -6.21
C ASP A 112 6.57 -6.28 -7.18
N GLN A 113 6.49 -5.87 -8.45
CA GLN A 113 5.72 -6.55 -9.48
C GLN A 113 6.21 -7.98 -9.74
N ALA A 114 7.53 -8.21 -9.67
CA ALA A 114 8.10 -9.55 -9.85
C ALA A 114 7.60 -10.50 -8.73
N THR A 115 7.50 -9.98 -7.50
CA THR A 115 6.94 -10.76 -6.39
C THR A 115 5.46 -11.04 -6.60
N ALA A 116 4.63 -10.04 -7.02
CA ALA A 116 3.21 -10.27 -7.25
C ALA A 116 2.98 -11.38 -8.30
N ALA A 117 3.80 -11.37 -9.39
CA ALA A 117 3.69 -12.35 -10.47
C ALA A 117 4.07 -13.73 -9.94
N ARG A 118 5.15 -13.81 -9.17
CA ARG A 118 5.58 -15.07 -8.54
C ARG A 118 4.48 -15.62 -7.60
N TRP A 119 3.90 -14.76 -6.72
CA TRP A 119 2.83 -15.16 -5.78
C TRP A 119 1.52 -15.53 -6.48
N SER A 120 1.29 -15.05 -7.71
CA SER A 120 0.08 -15.38 -8.45
C SER A 120 0.04 -16.86 -8.90
N ALA A 121 1.19 -17.55 -8.88
CA ALA A 121 1.29 -18.96 -9.21
C ALA A 121 1.15 -19.85 -7.94
N GLU A 122 0.90 -19.27 -6.76
CA GLU A 122 0.81 -20.04 -5.53
C GLU A 122 -0.57 -20.61 -5.32
N ARG A 123 -0.66 -21.77 -4.70
CA ARG A 123 -1.95 -22.40 -4.40
C ARG A 123 -2.54 -21.82 -3.09
N HIS A 124 -1.67 -21.41 -2.13
CA HIS A 124 -2.14 -20.95 -0.83
C HIS A 124 -1.28 -19.84 -0.25
N LEU A 125 -1.86 -18.64 -0.15
CA LEU A 125 -1.18 -17.50 0.47
C LEU A 125 -1.82 -17.23 1.80
N VAL A 126 -1.01 -16.97 2.83
CA VAL A 126 -1.54 -16.59 4.14
C VAL A 126 -0.88 -15.28 4.53
N PHE A 127 -1.68 -14.27 4.91
CA PHE A 127 -1.16 -12.97 5.34
C PHE A 127 -1.36 -12.82 6.85
N ALA A 128 -0.26 -12.75 7.60
CA ALA A 128 -0.30 -12.59 9.04
C ALA A 128 -0.19 -11.07 9.32
N CYS A 129 -1.33 -10.37 9.50
CA CYS A 129 -1.32 -8.90 9.70
C CYS A 129 -0.95 -8.50 11.10
N GLY A 130 0.17 -7.81 11.23
CA GLY A 130 0.63 -7.35 12.53
C GLY A 130 -0.05 -6.05 12.94
N ARG A 131 -0.14 -5.85 14.24
CA ARG A 131 -0.60 -4.60 14.87
C ARG A 131 0.35 -4.34 16.06
N TYR A 132 0.17 -3.19 16.77
CA TYR A 132 1.00 -2.81 17.92
C TYR A 132 2.46 -2.66 17.40
N GLU A 133 3.45 -3.24 18.09
CA GLU A 133 4.83 -3.24 17.60
C GLU A 133 5.16 -4.45 16.70
N GLY A 134 4.16 -5.23 16.30
CA GLY A 134 4.39 -6.36 15.42
C GLY A 134 4.24 -7.70 16.12
N ILE A 135 4.53 -8.78 15.42
CA ILE A 135 4.37 -10.13 15.94
C ILE A 135 5.66 -10.61 16.55
N ASP A 136 5.59 -11.41 17.65
CA ASP A 136 6.78 -12.01 18.28
C ASP A 136 7.63 -12.72 17.19
N GLN A 137 8.92 -12.37 17.05
CA GLN A 137 9.75 -12.93 15.97
C GLN A 137 9.73 -14.46 15.86
N ARG A 138 9.54 -15.14 16.98
CA ARG A 138 9.54 -16.60 17.02
C ARG A 138 8.40 -17.23 16.22
N VAL A 139 7.32 -16.49 15.95
CA VAL A 139 6.21 -17.01 15.15
C VAL A 139 6.69 -17.35 13.73
N VAL A 140 7.44 -16.44 13.13
CA VAL A 140 8.04 -16.56 11.80
C VAL A 140 9.05 -17.70 11.78
N GLU A 141 9.97 -17.74 12.77
CA GLU A 141 10.98 -18.79 12.83
C GLU A 141 10.34 -20.16 12.97
N ASP A 142 9.27 -20.26 13.80
CA ASP A 142 8.62 -21.54 13.97
C ASP A 142 7.90 -21.95 12.69
N ALA A 143 7.17 -21.01 12.03
CA ALA A 143 6.47 -21.34 10.79
C ALA A 143 7.44 -21.81 9.72
N ALA A 144 8.61 -21.18 9.63
CA ALA A 144 9.62 -21.52 8.63
C ALA A 144 10.17 -22.96 8.76
N ARG A 145 9.87 -23.66 9.86
CA ARG A 145 10.26 -25.05 10.01
C ARG A 145 9.45 -25.95 9.08
N ARG A 146 8.25 -25.54 8.67
CA ARG A 146 7.42 -26.40 7.82
C ARG A 146 6.91 -25.73 6.57
N MET A 147 6.97 -24.39 6.47
CA MET A 147 6.45 -23.71 5.30
C MET A 147 7.42 -22.62 4.82
N ARG A 148 7.15 -22.07 3.64
CA ARG A 148 7.97 -20.96 3.14
C ARG A 148 7.40 -19.65 3.74
N VAL A 149 8.30 -18.81 4.24
CA VAL A 149 7.92 -17.57 4.88
C VAL A 149 8.63 -16.40 4.22
N GLU A 150 7.89 -15.33 3.89
CA GLU A 150 8.48 -14.13 3.34
C GLU A 150 8.05 -12.93 4.19
N GLU A 151 9.03 -12.18 4.72
CA GLU A 151 8.76 -10.96 5.49
C GLU A 151 8.91 -9.83 4.48
N VAL A 152 7.82 -9.11 4.23
CA VAL A 152 7.74 -8.14 3.13
C VAL A 152 7.27 -6.73 3.54
N SER A 153 7.97 -5.71 3.05
CA SER A 153 7.57 -4.33 3.22
C SER A 153 6.93 -3.83 1.89
N ILE A 154 5.82 -3.08 1.97
CA ILE A 154 5.23 -2.50 0.75
C ILE A 154 5.93 -1.16 0.36
N GLY A 155 6.80 -0.62 1.23
CA GLY A 155 7.49 0.61 0.94
C GLY A 155 8.12 1.24 2.15
N ASP A 156 8.94 2.27 1.95
CA ASP A 156 9.67 2.90 3.03
C ASP A 156 8.90 3.94 3.78
N TYR A 157 7.89 3.50 4.47
CA TYR A 157 7.00 4.34 5.28
C TYR A 157 6.40 3.42 6.35
N VAL A 158 5.83 4.01 7.40
CA VAL A 158 5.32 3.22 8.51
C VAL A 158 3.80 3.27 8.58
N LEU A 159 3.16 2.11 8.48
CA LEU A 159 1.71 1.98 8.61
C LEU A 159 1.38 1.59 10.08
N PRO A 160 0.15 1.84 10.56
CA PRO A 160 -0.19 1.41 11.93
C PRO A 160 -0.45 -0.11 12.08
N GLY A 161 -0.80 -0.76 10.98
CA GLY A 161 -1.07 -2.20 10.94
C GLY A 161 -0.78 -2.80 9.58
N GLY A 162 -0.71 -4.13 9.52
CA GLY A 162 -0.42 -4.84 8.26
C GLY A 162 -1.59 -5.01 7.32
N GLU A 163 -2.81 -4.59 7.75
CA GLU A 163 -4.02 -4.77 6.97
C GLU A 163 -4.02 -4.06 5.62
N SER A 164 -3.70 -2.77 5.57
CA SER A 164 -3.65 -2.06 4.27
C SER A 164 -2.53 -2.64 3.40
N ALA A 165 -1.42 -3.14 4.01
CA ALA A 165 -0.33 -3.74 3.24
C ALA A 165 -0.80 -5.06 2.60
N ALA A 166 -1.61 -5.87 3.33
CA ALA A 166 -2.17 -7.11 2.78
C ALA A 166 -3.11 -6.76 1.62
N VAL A 167 -3.94 -5.72 1.79
CA VAL A 167 -4.84 -5.27 0.73
C VAL A 167 -4.07 -4.91 -0.56
N VAL A 168 -3.03 -4.11 -0.42
CA VAL A 168 -2.19 -3.69 -1.53
C VAL A 168 -1.58 -4.91 -2.26
N MET A 169 -1.02 -5.87 -1.49
CA MET A 169 -0.41 -7.06 -2.07
C MET A 169 -1.42 -7.99 -2.73
N ILE A 170 -2.58 -8.19 -2.10
CA ILE A 170 -3.62 -9.03 -2.65
C ILE A 170 -4.16 -8.40 -3.93
N GLU A 171 -4.31 -7.06 -3.97
CA GLU A 171 -4.79 -6.39 -5.19
C GLU A 171 -3.85 -6.61 -6.36
N ALA A 172 -2.54 -6.50 -6.12
CA ALA A 172 -1.55 -6.65 -7.19
C ALA A 172 -1.56 -8.08 -7.75
N VAL A 173 -1.78 -9.09 -6.86
CA VAL A 173 -1.84 -10.48 -7.28
C VAL A 173 -3.15 -10.75 -8.01
N LEU A 174 -4.30 -10.34 -7.44
CA LEU A 174 -5.60 -10.57 -8.05
C LEU A 174 -5.70 -9.89 -9.43
N ARG A 175 -5.05 -8.73 -9.61
CA ARG A 175 -5.04 -8.00 -10.88
C ARG A 175 -4.38 -8.87 -11.97
N LEU A 176 -3.31 -9.58 -11.63
CA LEU A 176 -2.63 -10.47 -12.56
C LEU A 176 -3.46 -11.69 -12.91
N LEU A 177 -4.20 -12.23 -11.94
CA LEU A 177 -5.07 -13.37 -12.20
C LEU A 177 -6.25 -13.00 -13.08
N ASP A 178 -6.75 -11.76 -12.95
CA ASP A 178 -7.85 -11.24 -13.78
C ASP A 178 -7.39 -11.13 -15.24
N GLY A 179 -6.15 -10.67 -15.44
CA GLY A 179 -5.55 -10.50 -16.76
C GLY A 179 -5.27 -11.81 -17.46
N VAL A 180 -5.00 -12.87 -16.69
CA VAL A 180 -4.73 -14.18 -17.27
C VAL A 180 -6.01 -15.09 -17.24
N LEU A 181 -7.20 -14.47 -17.10
CA LEU A 181 -8.52 -15.11 -17.01
C LEU A 181 -8.59 -16.17 -15.91
N GLY A 202 3.59 5.91 -18.76
CA GLY A 202 3.23 6.96 -19.72
C GLY A 202 1.86 7.57 -19.49
N PRO A 203 1.63 8.79 -19.98
CA PRO A 203 0.33 9.46 -19.73
C PRO A 203 -0.79 8.94 -20.60
N SER A 204 -2.03 9.03 -20.14
CA SER A 204 -3.20 8.59 -20.88
C SER A 204 -4.12 9.75 -21.20
N TYR A 205 -4.79 9.70 -22.36
CA TYR A 205 -5.71 10.73 -22.80
C TYR A 205 -6.96 10.14 -23.41
N THR A 206 -8.07 10.85 -23.27
CA THR A 206 -9.33 10.51 -23.91
C THR A 206 -10.03 11.82 -24.37
N ARG A 207 -11.22 11.71 -24.99
CA ARG A 207 -11.98 12.88 -25.46
C ARG A 207 -12.26 13.87 -24.33
N PRO A 208 -12.32 15.19 -24.62
CA PRO A 208 -12.17 15.82 -25.96
C PRO A 208 -10.70 16.01 -26.38
N PRO A 209 -10.40 16.22 -27.70
CA PRO A 209 -9.00 16.42 -28.10
C PRO A 209 -8.36 17.70 -27.56
N SER A 210 -9.19 18.65 -27.15
CA SER A 210 -8.74 19.92 -26.58
C SER A 210 -9.59 20.19 -25.33
N TRP A 211 -8.96 20.50 -24.19
CA TRP A 211 -9.69 20.69 -22.93
C TRP A 211 -8.97 21.70 -22.06
N ARG A 212 -9.65 22.81 -21.72
CA ARG A 212 -9.09 23.88 -20.92
C ARG A 212 -7.80 24.42 -21.51
N GLY A 213 -7.74 24.48 -22.84
CA GLY A 213 -6.56 24.94 -23.56
C GLY A 213 -5.43 23.94 -23.65
N LEU A 214 -5.63 22.71 -23.19
CA LEU A 214 -4.61 21.66 -23.22
C LEU A 214 -5.01 20.61 -24.26
N ASP A 215 -4.13 20.40 -25.24
CA ASP A 215 -4.42 19.50 -26.32
C ASP A 215 -3.79 18.15 -26.13
N VAL A 216 -4.45 17.11 -26.65
CA VAL A 216 -3.88 15.76 -26.65
C VAL A 216 -2.66 15.79 -27.61
N PRO A 217 -1.49 15.21 -27.23
CA PRO A 217 -0.35 15.19 -28.17
C PRO A 217 -0.74 14.66 -29.54
N GLU A 218 -0.42 15.42 -30.59
CA GLU A 218 -0.78 15.11 -31.96
C GLU A 218 -0.39 13.68 -32.39
N VAL A 219 0.76 13.17 -31.91
CA VAL A 219 1.17 11.81 -32.21
C VAL A 219 0.11 10.76 -31.83
N LEU A 220 -0.64 10.97 -30.74
CA LEU A 220 -1.69 10.03 -30.33
C LEU A 220 -2.91 10.05 -31.26
N LEU A 221 -3.06 11.09 -32.07
CA LEU A 221 -4.13 11.21 -33.08
C LEU A 221 -3.65 10.75 -34.49
N SER A 222 -2.33 10.57 -34.69
CA SER A 222 -1.71 10.21 -35.97
C SER A 222 -2.12 8.87 -36.56
N GLY A 223 -2.47 7.92 -35.71
CA GLY A 223 -2.81 6.58 -36.17
C GLY A 223 -1.58 5.71 -36.46
N ASP A 224 -0.36 6.29 -36.32
CA ASP A 224 0.91 5.61 -36.55
C ASP A 224 1.38 4.87 -35.29
N HIS A 225 1.13 3.54 -35.22
CA HIS A 225 1.51 2.70 -34.08
C HIS A 225 3.00 2.76 -33.71
N ALA A 226 3.86 2.94 -34.72
CA ALA A 226 5.30 2.99 -34.48
C ALA A 226 5.72 4.31 -33.81
N ARG A 227 5.20 5.45 -34.31
CA ARG A 227 5.51 6.77 -33.74
C ARG A 227 4.94 6.92 -32.33
N ILE A 228 3.74 6.36 -32.10
CA ILE A 228 3.09 6.36 -30.79
C ILE A 228 3.94 5.57 -29.77
N ALA A 229 4.45 4.39 -30.17
CA ALA A 229 5.29 3.58 -29.29
C ALA A 229 6.59 4.30 -28.97
N ALA A 230 7.20 4.94 -30.00
CA ALA A 230 8.44 5.69 -29.83
C ALA A 230 8.25 6.85 -28.86
N TRP A 231 7.13 7.60 -28.97
CA TRP A 231 6.80 8.74 -28.10
C TRP A 231 6.55 8.28 -26.65
N ARG A 232 5.78 7.19 -26.46
CA ARG A 232 5.52 6.66 -25.11
C ARG A 232 6.81 6.21 -24.45
N ARG A 233 7.77 5.63 -25.22
CA ARG A 233 9.06 5.23 -24.66
C ARG A 233 9.88 6.45 -24.25
N GLU A 234 9.83 7.53 -25.03
CA GLU A 234 10.56 8.76 -24.73
C GLU A 234 10.01 9.46 -23.47
N VAL A 235 8.67 9.57 -23.32
CA VAL A 235 8.06 10.19 -22.14
C VAL A 235 8.36 9.35 -20.89
N SER A 236 8.29 8.00 -21.04
CA SER A 236 8.59 7.09 -19.95
C SER A 236 10.05 7.27 -19.49
N LEU A 237 10.99 7.40 -20.46
CA LEU A 237 12.41 7.61 -20.18
C LEU A 237 12.67 8.96 -19.50
N GLN A 238 12.04 10.01 -20.01
CA GLN A 238 12.14 11.34 -19.42
C GLN A 238 11.59 11.34 -17.98
N ARG A 239 10.41 10.73 -17.75
CA ARG A 239 9.85 10.66 -16.40
C ARG A 239 10.77 9.93 -15.45
N THR A 240 11.37 8.81 -15.89
CA THR A 240 12.28 8.00 -15.06
C THR A 240 13.53 8.77 -14.68
N ARG A 241 14.08 9.56 -15.60
CA ARG A 241 15.26 10.39 -15.33
C ARG A 241 14.94 11.46 -14.24
N GLU A 242 13.77 12.05 -14.31
CA GLU A 242 13.34 13.09 -13.39
C GLU A 242 12.88 12.57 -12.04
N ARG A 243 12.12 11.47 -12.02
CA ARG A 243 11.53 10.97 -10.77
C ARG A 243 12.25 9.79 -10.13
N ARG A 244 12.76 8.85 -10.92
CA ARG A 244 13.44 7.65 -10.40
C ARG A 244 14.81 7.42 -11.07
N PRO A 245 15.77 8.36 -10.90
CA PRO A 245 17.06 8.20 -11.58
C PRO A 245 17.85 6.95 -11.16
N GLU A 246 17.59 6.44 -9.94
CA GLU A 246 18.23 5.22 -9.47
C GLU A 246 17.83 3.99 -10.29
N LEU A 247 16.69 4.03 -11.03
CA LEU A 247 16.30 2.91 -11.88
C LEU A 247 17.17 2.80 -13.13
N LEU A 248 17.98 3.83 -13.44
CA LEU A 248 18.90 3.80 -14.57
C LEU A 248 20.37 3.66 -14.08
N ALA A 249 20.56 3.07 -12.85
CA ALA A 249 21.82 2.80 -12.14
C ALA A 249 22.72 4.02 -11.95
N SER B 21 -8.11 21.31 11.99
CA SER B 21 -6.72 21.52 11.56
C SER B 21 -6.46 20.95 10.16
N MET B 22 -6.84 19.68 9.89
CA MET B 22 -6.60 19.11 8.56
C MET B 22 -7.85 18.55 7.91
N ARG B 23 -8.02 18.84 6.61
CA ARG B 23 -9.12 18.28 5.87
C ARG B 23 -8.55 17.33 4.82
N ILE B 24 -9.15 16.16 4.66
CA ILE B 24 -8.73 15.20 3.64
C ILE B 24 -9.94 14.83 2.82
N ASP B 25 -9.90 15.07 1.51
CA ASP B 25 -10.99 14.67 0.63
C ASP B 25 -10.45 13.55 -0.24
N VAL B 26 -11.23 12.49 -0.41
CA VAL B 26 -10.86 11.41 -1.28
C VAL B 26 -11.90 11.34 -2.36
N VAL B 27 -11.49 11.42 -3.62
CA VAL B 27 -12.43 11.35 -4.74
C VAL B 27 -12.23 10.00 -5.43
N THR B 28 -13.32 9.25 -5.57
CA THR B 28 -13.25 7.89 -6.09
C THR B 28 -14.59 7.45 -6.68
N ILE B 29 -14.56 6.47 -7.59
CA ILE B 29 -15.80 5.84 -8.07
C ILE B 29 -16.23 4.70 -7.10
N PHE B 30 -15.49 4.43 -6.02
CA PHE B 30 -15.77 3.40 -5.01
C PHE B 30 -15.72 4.05 -3.61
N PRO B 31 -16.68 4.92 -3.26
CA PRO B 31 -16.65 5.55 -1.93
C PRO B 31 -16.65 4.57 -0.75
N ALA B 32 -17.34 3.42 -0.89
CA ALA B 32 -17.37 2.45 0.23
C ALA B 32 -16.00 1.85 0.57
N TYR B 33 -15.03 2.00 -0.34
CA TYR B 33 -13.67 1.51 -0.12
C TYR B 33 -13.05 2.13 1.12
N LEU B 34 -13.27 3.43 1.37
CA LEU B 34 -12.68 4.08 2.55
C LEU B 34 -13.51 3.98 3.84
N ASP B 35 -14.61 3.19 3.84
CA ASP B 35 -15.46 3.03 5.02
C ASP B 35 -14.72 2.54 6.27
N PRO B 36 -13.89 1.47 6.21
CA PRO B 36 -13.17 1.06 7.42
C PRO B 36 -12.16 2.09 7.95
N LEU B 37 -11.59 2.94 7.08
CA LEU B 37 -10.68 3.99 7.54
C LEU B 37 -11.39 5.07 8.36
N ARG B 38 -12.72 5.22 8.21
CA ARG B 38 -13.49 6.19 8.96
C ARG B 38 -14.60 5.52 9.75
N GLY B 49 -11.70 14.90 15.60
CA GLY B 49 -12.10 16.21 15.11
C GLY B 49 -10.97 17.03 14.51
N LEU B 50 -9.72 16.73 14.85
CA LEU B 50 -8.55 17.41 14.26
C LEU B 50 -8.48 17.15 12.74
N VAL B 51 -8.88 15.93 12.33
CA VAL B 51 -8.92 15.54 10.93
C VAL B 51 -10.36 15.37 10.46
N ASP B 52 -10.70 16.03 9.35
CA ASP B 52 -12.01 15.93 8.72
C ASP B 52 -11.80 15.16 7.42
N LEU B 53 -12.12 13.86 7.45
CA LEU B 53 -11.97 12.95 6.31
C LEU B 53 -13.30 12.81 5.58
N ARG B 54 -13.35 13.20 4.30
CA ARG B 54 -14.55 13.13 3.47
C ARG B 54 -14.29 12.34 2.20
N VAL B 55 -15.26 11.54 1.78
CA VAL B 55 -15.12 10.70 0.62
C VAL B 55 -16.21 11.08 -0.37
N HIS B 56 -15.83 11.31 -1.61
CA HIS B 56 -16.75 11.78 -2.63
C HIS B 56 -16.84 10.81 -3.77
N ASP B 57 -18.06 10.53 -4.23
CA ASP B 57 -18.27 9.69 -5.40
C ASP B 57 -18.02 10.57 -6.64
N LEU B 58 -17.05 10.18 -7.47
CA LEU B 58 -16.71 10.91 -8.68
C LEU B 58 -17.93 11.07 -9.66
N ARG B 59 -18.91 10.15 -9.59
CA ARG B 59 -20.10 10.23 -10.47
C ARG B 59 -21.01 11.43 -10.17
N ARG B 60 -20.78 12.13 -9.06
CA ARG B 60 -21.51 13.35 -8.72
C ARG B 60 -21.23 14.45 -9.76
N TRP B 61 -20.08 14.39 -10.45
CA TRP B 61 -19.71 15.39 -11.43
C TRP B 61 -19.77 14.91 -12.87
N THR B 62 -20.60 13.90 -13.14
CA THR B 62 -20.83 13.43 -14.51
C THR B 62 -22.12 14.16 -14.99
N HIS B 63 -22.31 14.29 -16.31
CA HIS B 63 -23.52 14.97 -16.80
C HIS B 63 -24.34 14.15 -17.82
N ASP B 64 -24.00 12.88 -18.00
CA ASP B 64 -24.73 12.01 -18.91
C ASP B 64 -25.65 11.06 -18.12
N ALA B 65 -26.63 10.43 -18.81
CA ALA B 65 -27.58 9.52 -18.15
C ALA B 65 -26.90 8.29 -17.58
N HIS B 66 -25.81 7.85 -18.20
CA HIS B 66 -25.07 6.68 -17.71
C HIS B 66 -24.10 6.99 -16.58
N ARG B 67 -23.92 8.28 -16.17
CA ARG B 67 -22.98 8.74 -15.14
C ARG B 67 -21.58 8.18 -15.42
N SER B 68 -21.18 8.21 -16.69
CA SER B 68 -19.94 7.65 -17.16
C SER B 68 -18.70 8.50 -16.77
N VAL B 69 -17.66 7.82 -16.27
CA VAL B 69 -16.43 8.53 -15.89
C VAL B 69 -15.27 8.25 -16.85
N ASP B 70 -15.44 7.34 -17.83
CA ASP B 70 -14.36 6.88 -18.68
C ASP B 70 -14.68 6.94 -20.16
N ASP B 71 -13.67 6.77 -21.00
CA ASP B 71 -13.82 6.77 -22.44
C ASP B 71 -12.58 6.11 -23.06
N ALA B 72 -12.64 5.78 -24.35
CA ALA B 72 -11.55 5.07 -25.04
C ALA B 72 -10.30 5.93 -25.15
N PRO B 73 -9.10 5.33 -25.06
CA PRO B 73 -7.88 6.14 -25.15
C PRO B 73 -7.51 6.58 -26.56
N TYR B 74 -6.94 7.77 -26.68
CA TYR B 74 -6.37 8.24 -27.92
C TYR B 74 -5.05 7.47 -28.11
N GLY B 75 -4.74 7.10 -29.34
CA GLY B 75 -3.52 6.34 -29.61
C GLY B 75 -3.67 4.83 -29.42
N GLY B 76 -4.89 4.38 -29.20
CA GLY B 76 -5.15 2.96 -29.00
C GLY B 76 -4.67 2.44 -27.66
N GLY B 77 -4.63 1.14 -27.55
CA GLY B 77 -4.22 0.47 -26.32
C GLY B 77 -5.44 -0.07 -25.60
N PRO B 78 -5.22 -1.04 -24.74
CA PRO B 78 -6.35 -1.64 -24.02
C PRO B 78 -6.86 -0.70 -22.92
N GLY B 79 -8.02 -1.04 -22.38
CA GLY B 79 -8.58 -0.30 -21.27
C GLY B 79 -9.12 1.08 -21.59
N MET B 80 -9.77 1.67 -20.60
CA MET B 80 -10.39 2.96 -20.74
C MET B 80 -9.61 4.01 -19.93
N VAL B 81 -9.86 5.28 -20.18
CA VAL B 81 -9.21 6.37 -19.49
C VAL B 81 -10.28 7.21 -18.79
N MET B 82 -10.03 7.67 -17.55
CA MET B 82 -10.98 8.56 -16.88
C MET B 82 -10.92 9.95 -17.53
N LYS B 83 -12.10 10.50 -17.82
CA LYS B 83 -12.32 11.79 -18.50
C LYS B 83 -11.91 13.00 -17.72
N ALA B 84 -11.21 13.93 -18.38
CA ALA B 84 -10.80 15.18 -17.78
C ALA B 84 -12.00 16.08 -17.42
N PRO B 85 -13.06 16.22 -18.23
CA PRO B 85 -14.17 17.10 -17.81
C PRO B 85 -14.73 16.79 -16.42
N VAL B 86 -14.99 15.49 -16.11
CA VAL B 86 -15.52 15.06 -14.81
C VAL B 86 -14.54 15.42 -13.68
N TRP B 87 -13.26 15.03 -13.84
CA TRP B 87 -12.24 15.31 -12.82
C TRP B 87 -11.96 16.82 -12.61
N GLY B 88 -11.96 17.59 -13.70
CA GLY B 88 -11.70 19.02 -13.62
C GLY B 88 -12.77 19.74 -12.84
N GLU B 89 -14.00 19.35 -13.06
CA GLU B 89 -15.15 19.91 -12.37
C GLU B 89 -15.15 19.52 -10.88
N ALA B 90 -14.81 18.26 -10.54
CA ALA B 90 -14.79 17.81 -9.15
C ALA B 90 -13.73 18.62 -8.37
N LEU B 91 -12.51 18.72 -8.93
CA LEU B 91 -11.42 19.42 -8.26
C LEU B 91 -11.69 20.93 -8.21
N ASP B 92 -12.39 21.51 -9.20
CA ASP B 92 -12.73 22.94 -9.14
C ASP B 92 -13.61 23.19 -7.89
N GLU B 93 -14.55 22.27 -7.62
CA GLU B 93 -15.40 22.41 -6.46
C GLU B 93 -14.70 22.14 -5.14
N ILE B 94 -14.00 21.01 -5.04
CA ILE B 94 -13.34 20.56 -3.79
C ILE B 94 -12.03 21.29 -3.43
N ALA B 95 -11.18 21.63 -4.41
CA ALA B 95 -9.87 22.21 -4.12
C ALA B 95 -9.78 23.74 -4.23
N SER B 96 -8.89 24.32 -3.45
CA SER B 96 -8.56 25.75 -3.44
C SER B 96 -7.04 25.91 -3.68
N ALA B 97 -6.55 27.16 -3.71
CA ALA B 97 -5.13 27.45 -3.90
C ALA B 97 -4.24 26.88 -2.76
N GLU B 98 -4.83 26.64 -1.58
CA GLU B 98 -4.11 26.11 -0.42
C GLU B 98 -4.01 24.57 -0.43
N THR B 99 -4.74 23.87 -1.33
CA THR B 99 -4.79 22.41 -1.42
C THR B 99 -3.53 21.75 -1.93
N LEU B 100 -3.21 20.57 -1.40
CA LEU B 100 -2.15 19.76 -1.95
C LEU B 100 -2.86 18.53 -2.59
N LEU B 101 -2.85 18.48 -3.91
CA LEU B 101 -3.50 17.42 -4.66
C LEU B 101 -2.52 16.27 -4.84
N VAL B 102 -2.90 15.09 -4.32
CA VAL B 102 -2.11 13.91 -4.47
C VAL B 102 -2.80 13.02 -5.52
N VAL B 103 -2.05 12.65 -6.55
CA VAL B 103 -2.55 11.79 -7.59
C VAL B 103 -1.77 10.48 -7.54
N PRO B 104 -2.36 9.41 -6.98
CA PRO B 104 -1.66 8.12 -7.03
C PRO B 104 -1.42 7.68 -8.47
N THR B 105 -0.20 7.20 -8.76
CA THR B 105 0.18 6.67 -10.07
C THR B 105 1.42 5.79 -9.89
N PRO B 106 1.49 4.63 -10.55
CA PRO B 106 2.72 3.82 -10.50
C PRO B 106 3.92 4.51 -11.16
N ALA B 107 3.71 5.63 -11.88
CA ALA B 107 4.77 6.42 -12.51
C ALA B 107 5.23 7.59 -11.65
N GLY B 108 4.69 7.77 -10.44
CA GLY B 108 5.04 8.91 -9.61
C GLY B 108 6.32 8.78 -8.84
N VAL B 109 6.74 9.86 -8.14
CA VAL B 109 7.89 9.73 -7.24
C VAL B 109 7.42 8.85 -6.06
N LEU B 110 8.34 8.09 -5.47
CA LEU B 110 7.98 7.20 -4.38
C LEU B 110 7.50 7.92 -3.15
N PHE B 111 6.41 7.46 -2.58
CA PHE B 111 5.95 7.90 -1.28
C PHE B 111 6.94 7.30 -0.24
N ASP B 112 7.25 8.05 0.79
CA ASP B 112 8.13 7.61 1.86
C ASP B 112 7.72 8.29 3.18
N GLN B 113 8.44 7.97 4.28
CA GLN B 113 8.18 8.55 5.61
C GLN B 113 8.39 10.06 5.65
N ALA B 114 9.39 10.56 4.91
CA ALA B 114 9.65 12.00 4.83
C ALA B 114 8.45 12.73 4.19
N THR B 115 7.82 12.11 3.17
CA THR B 115 6.64 12.68 2.55
C THR B 115 5.45 12.66 3.50
N ALA B 116 5.22 11.54 4.22
CA ALA B 116 4.11 11.46 5.19
C ALA B 116 4.23 12.58 6.26
N ALA B 117 5.46 12.81 6.76
CA ALA B 117 5.71 13.82 7.80
C ALA B 117 5.45 15.21 7.22
N ARG B 118 5.93 15.47 6.00
CA ARG B 118 5.69 16.73 5.31
C ARG B 118 4.18 16.97 5.09
N TRP B 119 3.43 15.96 4.58
CA TRP B 119 1.98 16.05 4.35
C TRP B 119 1.16 16.19 5.64
N SER B 120 1.72 15.74 6.78
CA SER B 120 1.02 15.87 8.08
C SER B 120 0.90 17.34 8.54
N ALA B 121 1.70 18.25 7.95
CA ALA B 121 1.65 19.68 8.26
C ALA B 121 0.70 20.44 7.29
N GLU B 122 0.01 19.75 6.37
CA GLU B 122 -0.86 20.39 5.42
C GLU B 122 -2.23 20.65 5.99
N ARG B 123 -2.88 21.72 5.55
CA ARG B 123 -4.23 22.06 6.00
C ARG B 123 -5.27 21.28 5.17
N HIS B 124 -4.96 21.01 3.88
CA HIS B 124 -5.93 20.36 3.00
C HIS B 124 -5.29 19.42 2.00
N LEU B 125 -5.57 18.12 2.13
CA LEU B 125 -5.08 17.12 1.20
C LEU B 125 -6.26 16.63 0.37
N VAL B 126 -6.04 16.44 -0.93
CA VAL B 126 -7.09 15.88 -1.78
C VAL B 126 -6.46 14.72 -2.53
N PHE B 127 -7.09 13.53 -2.50
CA PHE B 127 -6.60 12.35 -3.21
C PHE B 127 -7.50 12.05 -4.39
N ALA B 128 -6.95 12.13 -5.59
CA ALA B 128 -7.70 11.86 -6.81
C ALA B 128 -7.42 10.38 -7.18
N CYS B 129 -8.32 9.46 -6.79
CA CYS B 129 -8.11 8.02 -6.99
C CYS B 129 -8.44 7.60 -8.41
N GLY B 130 -7.42 7.18 -9.16
CA GLY B 130 -7.60 6.70 -10.50
C GLY B 130 -8.05 5.26 -10.56
N ARG B 131 -8.72 4.92 -11.65
CA ARG B 131 -9.18 3.57 -11.96
C ARG B 131 -8.96 3.40 -13.48
N TYR B 132 -9.25 2.18 -14.01
CA TYR B 132 -9.12 1.88 -15.45
C TYR B 132 -7.63 2.09 -15.83
N GLU B 133 -7.30 2.76 -16.95
CA GLU B 133 -5.90 3.06 -17.28
C GLU B 133 -5.40 4.35 -16.61
N GLY B 134 -6.18 4.95 -15.73
CA GLY B 134 -5.77 6.15 -15.03
C GLY B 134 -6.54 7.38 -15.46
N ILE B 135 -6.16 8.54 -14.93
CA ILE B 135 -6.85 9.78 -15.25
C ILE B 135 -6.19 10.45 -16.45
N ASP B 136 -6.97 11.14 -17.32
CA ASP B 136 -6.43 11.90 -18.45
C ASP B 136 -5.31 12.85 -17.92
N GLN B 137 -4.08 12.77 -18.46
CA GLN B 137 -2.95 13.56 -17.95
C GLN B 137 -3.23 15.07 -17.81
N ARG B 138 -4.13 15.60 -18.63
CA ARG B 138 -4.45 17.02 -18.59
C ARG B 138 -5.10 17.45 -17.28
N VAL B 139 -5.68 16.51 -16.49
CA VAL B 139 -6.28 16.86 -15.21
C VAL B 139 -5.22 17.41 -14.26
N VAL B 140 -4.07 16.75 -14.20
CA VAL B 140 -2.94 17.13 -13.37
C VAL B 140 -2.35 18.47 -13.85
N GLU B 141 -2.10 18.60 -15.16
CA GLU B 141 -1.55 19.85 -15.71
C GLU B 141 -2.50 21.04 -15.44
N ASP B 142 -3.80 20.83 -15.62
CA ASP B 142 -4.76 21.90 -15.37
C ASP B 142 -4.80 22.21 -13.88
N ALA B 143 -4.86 21.21 -12.97
CA ALA B 143 -4.91 21.48 -11.54
C ALA B 143 -3.70 22.25 -11.08
N ALA B 144 -2.52 21.93 -11.62
CA ALA B 144 -1.27 22.61 -11.26
C ALA B 144 -1.27 24.13 -11.58
N ARG B 145 -2.26 24.62 -12.31
CA ARG B 145 -2.41 26.06 -12.56
C ARG B 145 -2.92 26.76 -11.28
N ARG B 146 -3.65 26.04 -10.38
CA ARG B 146 -4.26 26.71 -9.22
C ARG B 146 -4.14 25.97 -7.89
N MET B 147 -3.21 25.03 -7.80
CA MET B 147 -2.93 24.31 -6.57
C MET B 147 -1.59 23.56 -6.73
N ARG B 148 -1.04 23.04 -5.62
CA ARG B 148 0.18 22.24 -5.71
C ARG B 148 -0.27 20.81 -6.03
N VAL B 149 0.46 20.12 -6.91
CA VAL B 149 0.13 18.76 -7.30
C VAL B 149 1.33 17.86 -7.15
N GLU B 150 1.14 16.66 -6.58
CA GLU B 150 2.19 15.66 -6.46
C GLU B 150 1.66 14.33 -7.02
N GLU B 151 2.39 13.77 -8.00
CA GLU B 151 2.05 12.45 -8.57
C GLU B 151 2.92 11.47 -7.83
N VAL B 152 2.28 10.55 -7.09
CA VAL B 152 2.98 9.66 -6.15
C VAL B 152 2.71 8.19 -6.33
N SER B 153 3.78 7.39 -6.32
CA SER B 153 3.66 5.94 -6.32
C SER B 153 3.92 5.41 -4.90
N ILE B 154 3.12 4.42 -4.44
CA ILE B 154 3.37 3.81 -3.14
C ILE B 154 4.43 2.68 -3.23
N GLY B 155 4.84 2.29 -4.44
CA GLY B 155 5.86 1.25 -4.60
C GLY B 155 5.88 0.69 -6.00
N ASP B 156 6.89 -0.13 -6.31
CA ASP B 156 7.08 -0.64 -7.66
C ASP B 156 6.27 -1.87 -7.97
N TYR B 157 4.97 -1.69 -8.03
CA TYR B 157 4.00 -2.73 -8.32
C TYR B 157 2.76 -2.03 -8.89
N VAL B 158 1.86 -2.78 -9.52
CA VAL B 158 0.69 -2.18 -10.16
C VAL B 158 -0.59 -2.56 -9.43
N LEU B 159 -1.33 -1.55 -8.98
CA LEU B 159 -2.63 -1.74 -8.32
C LEU B 159 -3.75 -1.55 -9.37
N PRO B 160 -4.93 -2.15 -9.18
CA PRO B 160 -6.03 -1.91 -10.15
C PRO B 160 -6.65 -0.50 -10.02
N GLY B 161 -6.37 0.18 -8.92
CA GLY B 161 -6.93 1.50 -8.63
C GLY B 161 -6.16 2.21 -7.54
N GLY B 162 -6.37 3.52 -7.44
CA GLY B 162 -5.65 4.32 -6.45
C GLY B 162 -6.22 4.34 -5.04
N GLU B 163 -7.41 3.73 -4.80
CA GLU B 163 -8.06 3.70 -3.46
C GLU B 163 -7.18 3.06 -2.37
N SER B 164 -6.59 1.86 -2.63
CA SER B 164 -5.72 1.23 -1.60
C SER B 164 -4.47 2.10 -1.38
N ALA B 165 -3.98 2.78 -2.43
CA ALA B 165 -2.82 3.67 -2.32
C ALA B 165 -3.16 4.88 -1.47
N ALA B 166 -4.38 5.46 -1.64
CA ALA B 166 -4.83 6.58 -0.80
C ALA B 166 -4.95 6.10 0.65
N VAL B 167 -5.49 4.89 0.89
CA VAL B 167 -5.60 4.33 2.25
C VAL B 167 -4.22 4.23 2.92
N VAL B 168 -3.24 3.66 2.21
CA VAL B 168 -1.88 3.51 2.69
C VAL B 168 -1.27 4.89 3.06
N MET B 169 -1.42 5.89 2.17
CA MET B 169 -0.87 7.22 2.41
C MET B 169 -1.58 7.95 3.55
N ILE B 170 -2.91 7.87 3.60
CA ILE B 170 -3.66 8.50 4.68
C ILE B 170 -3.32 7.84 6.02
N GLU B 171 -3.13 6.52 6.05
CA GLU B 171 -2.76 5.85 7.29
C GLU B 171 -1.43 6.33 7.82
N ALA B 172 -0.43 6.49 6.95
CA ALA B 172 0.90 6.91 7.36
C ALA B 172 0.88 8.36 7.91
N VAL B 173 0.02 9.22 7.33
CA VAL B 173 -0.12 10.59 7.79
C VAL B 173 -0.91 10.62 9.11
N LEU B 174 -2.05 9.93 9.17
CA LEU B 174 -2.88 9.91 10.38
C LEU B 174 -2.12 9.33 11.58
N ARG B 175 -1.24 8.35 11.33
CA ARG B 175 -0.41 7.73 12.37
C ARG B 175 0.50 8.78 13.02
N LEU B 176 1.05 9.68 12.23
CA LEU B 176 1.90 10.76 12.72
C LEU B 176 1.12 11.78 13.52
N LEU B 177 -0.09 12.10 13.10
CA LEU B 177 -0.94 13.05 13.82
C LEU B 177 -1.41 12.48 15.16
N ASP B 178 -1.59 11.15 15.26
CA ASP B 178 -2.00 10.48 16.47
C ASP B 178 -0.86 10.56 17.49
N ARG B 199 19.37 0.84 9.61
CA ARG B 199 18.12 1.44 9.13
C ARG B 199 16.86 0.60 9.40
N LEU B 200 16.93 -0.74 9.31
CA LEU B 200 15.74 -1.58 9.54
C LEU B 200 15.45 -1.86 11.03
N GLU B 201 14.15 -1.85 11.40
CA GLU B 201 13.67 -2.16 12.75
C GLU B 201 14.10 -3.57 13.13
N GLY B 202 14.36 -3.76 14.42
CA GLY B 202 14.77 -5.04 14.97
C GLY B 202 13.60 -5.94 15.32
N PRO B 203 13.89 -7.20 15.72
CA PRO B 203 12.81 -8.13 16.09
C PRO B 203 12.19 -7.81 17.45
N SER B 204 10.94 -8.18 17.67
CA SER B 204 10.26 -7.95 18.95
C SER B 204 9.87 -9.29 19.60
N TYR B 205 9.88 -9.35 20.93
CA TYR B 205 9.56 -10.57 21.67
C TYR B 205 8.70 -10.28 22.87
N THR B 206 7.84 -11.21 23.23
CA THR B 206 7.05 -11.13 24.45
C THR B 206 7.01 -12.53 25.11
N ARG B 207 6.33 -12.66 26.28
CA ARG B 207 6.24 -13.92 27.03
C ARG B 207 5.64 -15.02 26.14
N PRO B 208 6.06 -16.28 26.31
CA PRO B 208 7.01 -16.79 27.32
C PRO B 208 8.48 -16.63 26.92
N PRO B 209 9.45 -16.72 27.87
CA PRO B 209 10.86 -16.60 27.48
C PRO B 209 11.39 -17.72 26.58
N SER B 210 10.70 -18.83 26.56
CA SER B 210 11.04 -19.99 25.72
C SER B 210 9.73 -20.46 25.06
N TRP B 211 9.71 -20.64 23.74
CA TRP B 211 8.47 -21.04 23.05
C TRP B 211 8.81 -21.90 21.87
N ARG B 212 8.32 -23.14 21.87
CA ARG B 212 8.56 -24.11 20.81
C ARG B 212 10.05 -24.30 20.54
N GLY B 213 10.84 -24.31 21.61
CA GLY B 213 12.28 -24.45 21.53
C GLY B 213 13.03 -23.22 21.09
N LEU B 214 12.35 -22.08 20.95
CA LEU B 214 12.97 -20.83 20.52
C LEU B 214 13.01 -19.88 21.71
N ASP B 215 14.20 -19.47 22.09
CA ASP B 215 14.35 -18.62 23.27
C ASP B 215 14.47 -17.17 22.92
N VAL B 216 13.97 -16.30 23.81
CA VAL B 216 14.15 -14.86 23.65
C VAL B 216 15.66 -14.59 23.84
N PRO B 217 16.33 -13.79 22.97
CA PRO B 217 17.75 -13.49 23.22
C PRO B 217 18.01 -13.04 24.66
N GLU B 218 18.95 -13.70 25.33
CA GLU B 218 19.27 -13.48 26.75
C GLU B 218 19.51 -12.01 27.06
N VAL B 219 20.12 -11.26 26.14
CA VAL B 219 20.37 -9.84 26.34
C VAL B 219 19.07 -9.05 26.65
N LEU B 220 17.93 -9.42 26.03
CA LEU B 220 16.66 -8.75 26.32
C LEU B 220 16.11 -9.02 27.72
N LEU B 221 16.60 -10.08 28.39
CA LEU B 221 16.21 -10.44 29.76
C LEU B 221 17.22 -9.88 30.80
N SER B 222 18.42 -9.44 30.35
CA SER B 222 19.51 -8.97 31.20
C SER B 222 19.21 -7.74 32.06
N GLY B 223 18.31 -6.88 31.62
CA GLY B 223 18.01 -5.64 32.33
C GLY B 223 19.05 -4.54 32.09
N ASP B 224 20.12 -4.85 31.30
CA ASP B 224 21.20 -3.93 30.95
C ASP B 224 20.83 -3.10 29.73
N HIS B 225 20.36 -1.86 29.94
CA HIS B 225 19.96 -0.93 28.86
C HIS B 225 21.05 -0.69 27.82
N ALA B 226 22.33 -0.71 28.23
CA ALA B 226 23.45 -0.48 27.31
C ALA B 226 23.66 -1.66 26.36
N ARG B 227 23.67 -2.90 26.91
CA ARG B 227 23.87 -4.11 26.12
C ARG B 227 22.69 -4.34 25.17
N ILE B 228 21.46 -4.02 25.63
CA ILE B 228 20.25 -4.15 24.81
C ILE B 228 20.31 -3.20 23.63
N ALA B 229 20.74 -1.95 23.85
CA ALA B 229 20.85 -0.95 22.77
C ALA B 229 21.93 -1.39 21.76
N ALA B 230 23.07 -1.89 22.25
CA ALA B 230 24.15 -2.37 21.41
C ALA B 230 23.70 -3.53 20.52
N TRP B 231 22.93 -4.49 21.11
CA TRP B 231 22.41 -5.66 20.38
C TRP B 231 21.39 -5.24 19.32
N ARG B 232 20.45 -4.35 19.67
CA ARG B 232 19.46 -3.87 18.71
C ARG B 232 20.11 -3.16 17.54
N ARG B 233 21.21 -2.41 17.77
CA ARG B 233 21.93 -1.75 16.67
C ARG B 233 22.60 -2.79 15.75
N GLU B 234 23.16 -3.83 16.34
CA GLU B 234 23.82 -4.89 15.58
C GLU B 234 22.83 -5.69 14.73
N VAL B 235 21.67 -6.10 15.31
CA VAL B 235 20.67 -6.85 14.54
C VAL B 235 20.06 -5.99 13.45
N SER B 236 19.86 -4.68 13.72
CA SER B 236 19.34 -3.74 12.75
C SER B 236 20.30 -3.64 11.55
N LEU B 237 21.61 -3.57 11.83
CA LEU B 237 22.66 -3.51 10.81
C LEU B 237 22.73 -4.82 10.00
N GLN B 238 22.68 -5.98 10.67
CA GLN B 238 22.73 -7.28 9.97
C GLN B 238 21.50 -7.49 9.09
N ARG B 239 20.34 -7.07 9.60
CA ARG B 239 19.05 -7.18 8.91
C ARG B 239 19.07 -6.36 7.62
N THR B 240 19.61 -5.12 7.70
CA THR B 240 19.73 -4.22 6.57
C THR B 240 20.71 -4.76 5.53
N ARG B 241 21.80 -5.40 5.98
CA ARG B 241 22.77 -6.00 5.08
C ARG B 241 22.16 -7.14 4.27
N GLU B 242 21.30 -7.94 4.92
CA GLU B 242 20.66 -9.08 4.26
C GLU B 242 19.48 -8.72 3.38
N ARG B 243 18.64 -7.78 3.82
CA ARG B 243 17.43 -7.45 3.08
C ARG B 243 17.48 -6.19 2.22
N ARG B 244 18.15 -5.13 2.69
CA ARG B 244 18.23 -3.86 1.95
C ARG B 244 19.70 -3.36 1.85
N PRO B 245 20.58 -4.12 1.17
CA PRO B 245 22.00 -3.72 1.10
C PRO B 245 22.25 -2.36 0.46
N GLU B 246 21.35 -1.94 -0.44
CA GLU B 246 21.45 -0.63 -1.08
C GLU B 246 21.29 0.53 -0.09
N LEU B 247 20.74 0.30 1.11
CA LEU B 247 20.61 1.36 2.11
C LEU B 247 21.96 1.63 2.78
N SAH C . 1.69 2.66 14.87
CA SAH C . 2.58 1.51 15.17
CB SAH C . 3.02 0.82 13.86
CG SAH C . 4.16 -0.17 14.01
SD SAH C . 4.33 -1.39 12.67
C SAH C . 3.78 2.01 15.98
O SAH C . 3.91 3.25 16.11
OXT SAH C . 4.52 1.14 16.51
C5' SAH C . 2.90 -2.45 12.94
C4' SAH C . 2.59 -3.37 11.76
O4' SAH C . 2.24 -2.60 10.58
C3' SAH C . 3.76 -4.24 11.33
O3' SAH C . 3.81 -5.42 12.12
C2' SAH C . 3.38 -4.57 9.88
O2' SAH C . 2.43 -5.63 9.76
C1' SAH C . 2.69 -3.28 9.43
N9 SAH C . 3.52 -2.38 8.63
C8 SAH C . 3.96 -1.12 8.98
N7 SAH C . 4.67 -0.54 8.05
C5 SAH C . 4.69 -1.47 7.02
C6 SAH C . 5.25 -1.42 5.72
N6 SAH C . 5.92 -0.38 5.23
N1 SAH C . 5.06 -2.51 4.94
C2 SAH C . 4.37 -3.55 5.41
N3 SAH C . 3.79 -3.68 6.61
C4 SAH C . 3.99 -2.60 7.37
N SAH D . -6.59 -1.17 -15.03
CA SAH D . -5.19 -0.67 -14.91
CB SAH D . -4.84 -0.40 -13.45
CG SAH D . -3.41 0.07 -13.24
SD SAH D . -3.19 1.85 -12.91
C SAH D . -4.24 -1.70 -15.52
O SAH D . -4.51 -2.91 -15.32
OXT SAH D . -3.24 -1.26 -16.15
C5' SAH D . -4.81 2.40 -12.28
C4' SAH D . -4.71 3.32 -11.07
O4' SAH D . -4.21 2.58 -9.93
C3' SAH D . -3.75 4.49 -11.23
O3' SAH D . -4.33 5.61 -11.90
C2' SAH D . -3.40 4.82 -9.78
O2' SAH D . -4.37 5.67 -9.17
C1' SAH D . -3.39 3.42 -9.13
N9 SAH D . -2.06 2.82 -9.00
C8 SAH D . -1.60 1.66 -9.57
N7 SAH D . -0.42 1.29 -9.14
C5 SAH D . -0.08 2.28 -8.23
C6 SAH D . 1.04 2.45 -7.39
N6 SAH D . 2.08 1.60 -7.33
N1 SAH D . 1.06 3.54 -6.59
C2 SAH D . 0.02 4.38 -6.62
N3 SAH D . -1.08 4.32 -7.36
C4 SAH D . -1.08 3.22 -8.14
#